data_5XVK
#
_entry.id   5XVK
#
_cell.length_a   47.138
_cell.length_b   71.699
_cell.length_c   157.042
_cell.angle_alpha   90.000
_cell.angle_beta   90.000
_cell.angle_gamma   90.000
#
_symmetry.space_group_name_H-M   'P 21 21 21'
#
loop_
_entity.id
_entity.type
_entity.pdbx_description
1 polymer 'Nicotinamide N-methyltransferase'
2 non-polymer S-ADENOSYL-L-HOMOCYSTEINE
3 non-polymer 3-carbamoyl-1-methylpyridin-1-ium
4 non-polymer GLYCEROL
5 water water
#
_entity_poly.entity_id   1
_entity_poly.type   'polypeptide(L)'
_entity_poly.pdbx_seq_one_letter_code
;MGSSHHHHHHSSGLVPRGSHMESGFTSKDTYLSHFNPRDYLEKYYSFGSRHCAENEILRHLLKNLFKIFCLGAVKGELLI
DIGSGPTIYQLLSACESFTEIIVSDYTDQNLWELQKWLKKEPGAFDWSPVVTYVCDLEGNRMKGPEKEEKLRRAIKQVLK
CDVTQSQPLGGVSLPPADCLLSTLCLDAACPDLPAYRTALRNLGSLLKPGGFLVMVDALKSSYYMIGEQKFSSLPLGWET
VRDAVEEAGYTIEQFEVISQNYSSTTSNNEGLFSLVGRKPGRSE
;
_entity_poly.pdbx_strand_id   A,B
#
# COMPACT_ATOMS: atom_id res chain seq x y z
N GLY A 24 31.81 10.58 0.61
CA GLY A 24 30.77 9.78 1.33
C GLY A 24 29.36 10.28 1.06
N PHE A 25 28.52 10.19 2.08
CA PHE A 25 27.13 10.66 2.01
C PHE A 25 27.09 12.16 1.71
N THR A 26 26.24 12.56 0.77
CA THR A 26 26.08 13.96 0.37
C THR A 26 25.92 14.88 1.58
N SER A 27 26.77 15.91 1.66
CA SER A 27 26.69 16.91 2.73
C SER A 27 25.65 17.96 2.41
N LYS A 28 25.22 18.71 3.42
CA LYS A 28 24.27 19.79 3.15
C LYS A 28 24.87 20.93 2.30
N ASP A 29 26.19 21.09 2.36
CA ASP A 29 26.84 22.07 1.51
C ASP A 29 26.88 21.65 0.04
N THR A 30 26.87 20.35 -0.22
CA THR A 30 26.76 19.85 -1.59
C THR A 30 25.39 20.21 -2.18
N TYR A 31 24.33 20.21 -1.35
CA TYR A 31 23.02 20.69 -1.81
C TYR A 31 23.08 22.13 -2.28
N LEU A 32 23.70 22.99 -1.46
CA LEU A 32 23.82 24.39 -1.79
C LEU A 32 24.56 24.62 -3.10
N SER A 33 25.63 23.85 -3.32
CA SER A 33 26.50 24.06 -4.46
C SER A 33 26.15 23.24 -5.71
N HIS A 34 25.23 22.27 -5.59
CA HIS A 34 24.91 21.38 -6.71
C HIS A 34 23.44 21.28 -7.12
N PHE A 35 22.52 21.52 -6.19
CA PHE A 35 21.10 21.28 -6.45
C PHE A 35 20.52 22.38 -7.35
N ASN A 36 20.12 21.98 -8.55
CA ASN A 36 19.53 22.88 -9.52
C ASN A 36 18.00 22.71 -9.51
N PRO A 37 17.27 23.69 -8.94
CA PRO A 37 15.82 23.54 -8.71
C PRO A 37 15.02 23.34 -9.97
N ARG A 38 15.25 24.18 -10.98
CA ARG A 38 14.53 24.07 -12.25
C ARG A 38 14.81 22.72 -12.92
N ASP A 39 16.05 22.27 -12.88
CA ASP A 39 16.42 20.98 -13.46
C ASP A 39 15.71 19.84 -12.73
N TYR A 40 15.66 19.91 -11.40
CA TYR A 40 14.96 18.94 -10.57
C TYR A 40 13.48 18.82 -10.97
N LEU A 41 12.82 19.97 -11.07
CA LEU A 41 11.41 20.06 -11.47
C LEU A 41 11.17 19.47 -12.86
N GLU A 42 11.99 19.85 -13.83
CA GLU A 42 11.82 19.36 -15.20
C GLU A 42 11.91 17.83 -15.27
N LYS A 43 12.83 17.26 -14.49
CA LYS A 43 13.13 15.84 -14.59
C LYS A 43 12.16 14.95 -13.82
N TYR A 44 11.60 15.46 -12.72
CA TYR A 44 10.74 14.67 -11.86
C TYR A 44 9.25 15.06 -11.89
N TYR A 45 8.95 16.31 -12.22
CA TYR A 45 7.59 16.84 -12.06
C TYR A 45 6.96 17.52 -13.29
N SER A 46 7.52 17.31 -14.48
CA SER A 46 6.98 17.93 -15.70
CA SER A 46 7.00 17.89 -15.72
C SER A 46 5.66 17.28 -16.13
N PHE A 47 5.47 16.02 -15.76
CA PHE A 47 4.24 15.28 -16.06
C PHE A 47 3.95 15.32 -17.56
N GLY A 48 4.99 15.20 -18.37
CA GLY A 48 4.89 15.28 -19.83
C GLY A 48 5.08 13.94 -20.50
N SER A 49 5.55 13.95 -21.75
CA SER A 49 5.71 12.72 -22.52
C SER A 49 6.98 11.92 -22.20
N ARG A 50 7.97 12.54 -21.57
CA ARG A 50 9.18 11.82 -21.19
C ARG A 50 9.19 11.56 -19.68
N HIS A 51 10.25 10.93 -19.17
CA HIS A 51 10.36 10.62 -17.74
C HIS A 51 9.12 9.85 -17.28
N CYS A 52 8.76 8.80 -18.02
CA CYS A 52 7.52 8.06 -17.77
C CYS A 52 7.45 7.36 -16.40
N ALA A 53 8.57 6.80 -15.95
CA ALA A 53 8.64 6.20 -14.61
C ALA A 53 8.35 7.26 -13.53
N GLU A 54 8.91 8.44 -13.72
CA GLU A 54 8.71 9.55 -12.78
C GLU A 54 7.25 10.00 -12.77
N ASN A 55 6.63 10.02 -13.96
CA ASN A 55 5.20 10.34 -14.07
C ASN A 55 4.32 9.36 -13.29
N GLU A 56 4.64 8.07 -13.39
CA GLU A 56 3.83 7.04 -12.76
C GLU A 56 3.90 7.15 -11.24
N ILE A 57 5.08 7.45 -10.73
CA ILE A 57 5.27 7.68 -9.31
C ILE A 57 4.48 8.91 -8.87
N LEU A 58 4.59 9.99 -9.64
CA LEU A 58 3.85 11.22 -9.36
C LEU A 58 2.35 10.96 -9.28
N ARG A 59 1.80 10.23 -10.26
CA ARG A 59 0.38 9.85 -10.24
C ARG A 59 0.00 9.18 -8.91
N HIS A 60 0.79 8.19 -8.50
CA HIS A 60 0.53 7.44 -7.27
C HIS A 60 0.66 8.34 -6.03
N LEU A 61 1.70 9.18 -5.98
CA LEU A 61 1.87 10.12 -4.86
C LEU A 61 0.66 11.03 -4.70
N LEU A 62 0.18 11.58 -5.82
CA LEU A 62 -0.98 12.47 -5.81
C LEU A 62 -2.23 11.74 -5.34
N LYS A 63 -2.40 10.50 -5.79
CA LYS A 63 -3.51 9.65 -5.35
C LYS A 63 -3.48 9.44 -3.83
N ASN A 64 -2.33 9.05 -3.30
CA ASN A 64 -2.18 8.82 -1.86
C ASN A 64 -2.36 10.09 -1.01
N LEU A 65 -1.79 11.21 -1.48
CA LEU A 65 -1.94 12.48 -0.78
C LEU A 65 -3.39 12.95 -0.80
N PHE A 66 -4.10 12.68 -1.89
CA PHE A 66 -5.53 12.95 -1.97
C PHE A 66 -6.29 12.18 -0.89
N LYS A 67 -6.03 10.88 -0.79
CA LYS A 67 -6.66 10.03 0.23
C LYS A 67 -6.35 10.52 1.65
N ILE A 68 -5.08 10.83 1.89
CA ILE A 68 -4.63 11.25 3.20
C ILE A 68 -5.32 12.55 3.65
N PHE A 69 -5.32 13.56 2.77
CA PHE A 69 -5.80 14.88 3.16
C PHE A 69 -7.29 15.13 2.95
N CYS A 70 -7.91 14.42 2.00
CA CYS A 70 -9.32 14.67 1.67
C CYS A 70 -10.29 13.62 2.24
N LEU A 71 -9.81 12.40 2.42
CA LEU A 71 -10.68 11.26 2.74
C LEU A 71 -10.66 10.81 4.21
N GLY A 72 -9.84 11.47 5.04
CA GLY A 72 -9.67 11.08 6.45
C GLY A 72 -9.91 12.20 7.45
N ALA A 73 -9.21 12.13 8.57
CA ALA A 73 -9.34 13.14 9.64
C ALA A 73 -8.11 14.04 9.76
N VAL A 74 -7.26 14.02 8.73
CA VAL A 74 -6.06 14.86 8.72
C VAL A 74 -6.46 16.26 8.26
N LYS A 75 -6.84 17.09 9.23
CA LYS A 75 -7.30 18.44 8.99
C LYS A 75 -6.87 19.31 10.17
N GLY A 76 -6.89 20.62 9.96
CA GLY A 76 -6.55 21.54 11.04
C GLY A 76 -6.25 22.93 10.53
N GLU A 77 -5.65 23.74 11.40
CA GLU A 77 -5.35 25.13 11.09
C GLU A 77 -3.99 25.30 10.43
N LEU A 78 -2.96 24.69 11.01
CA LEU A 78 -1.59 24.93 10.56
C LEU A 78 -0.86 23.64 10.17
N LEU A 79 -0.34 23.65 8.97
CA LEU A 79 0.51 22.58 8.44
C LEU A 79 1.88 23.17 8.10
N ILE A 80 2.93 22.48 8.54
CA ILE A 80 4.30 22.87 8.20
C ILE A 80 4.90 21.78 7.32
N ASP A 81 5.34 22.17 6.12
CA ASP A 81 6.03 21.25 5.20
C ASP A 81 7.54 21.39 5.34
N ILE A 82 8.20 20.27 5.62
CA ILE A 82 9.64 20.23 5.88
C ILE A 82 10.39 19.61 4.69
N GLY A 83 11.34 20.37 4.14
CA GLY A 83 12.10 19.91 2.97
C GLY A 83 11.30 19.96 1.68
N SER A 84 10.48 21.00 1.54
CA SER A 84 9.60 21.19 0.38
C SER A 84 10.34 21.18 -0.95
N GLY A 85 11.62 21.55 -0.91
CA GLY A 85 12.38 21.79 -2.12
C GLY A 85 11.68 22.86 -2.93
N PRO A 86 11.74 22.75 -4.27
CA PRO A 86 11.04 23.72 -5.10
C PRO A 86 9.63 23.27 -5.52
N THR A 87 9.08 22.25 -4.84
CA THR A 87 7.83 21.62 -5.26
C THR A 87 6.60 22.04 -4.47
N ILE A 88 5.45 21.99 -5.13
CA ILE A 88 4.17 22.29 -4.51
C ILE A 88 3.15 21.15 -4.67
N TYR A 89 3.53 20.09 -5.41
CA TYR A 89 2.60 18.96 -5.68
C TYR A 89 2.07 18.36 -4.38
N GLN A 90 2.91 18.33 -3.35
CA GLN A 90 2.57 17.72 -2.05
C GLN A 90 1.59 18.56 -1.23
N LEU A 91 1.30 19.78 -1.70
CA LEU A 91 0.45 20.71 -0.97
C LEU A 91 -0.95 20.90 -1.58
N LEU A 92 -1.16 20.33 -2.77
CA LEU A 92 -2.38 20.61 -3.54
C LEU A 92 -3.66 20.06 -2.91
N SER A 93 -3.64 18.82 -2.44
CA SER A 93 -4.77 18.30 -1.68
C SER A 93 -4.78 18.85 -0.24
N ALA A 94 -3.59 19.02 0.34
CA ALA A 94 -3.46 19.53 1.71
C ALA A 94 -4.15 20.87 1.95
N CYS A 95 -4.14 21.75 0.95
CA CYS A 95 -4.76 23.07 1.09
C CYS A 95 -6.29 22.99 1.16
N GLU A 96 -6.85 21.80 0.96
CA GLU A 96 -8.28 21.57 1.15
C GLU A 96 -8.61 21.40 2.63
N SER A 97 -7.60 21.04 3.40
CA SER A 97 -7.79 20.61 4.78
C SER A 97 -7.11 21.52 5.82
N PHE A 98 -6.22 22.40 5.36
CA PHE A 98 -5.47 23.29 6.24
C PHE A 98 -5.54 24.73 5.76
N THR A 99 -5.88 25.63 6.69
CA THR A 99 -6.04 27.05 6.37
CA THR A 99 -6.04 27.05 6.36
C THR A 99 -4.70 27.75 6.13
N GLU A 100 -3.69 27.36 6.91
CA GLU A 100 -2.36 27.96 6.81
C GLU A 100 -1.29 26.90 6.53
N ILE A 101 -0.42 27.20 5.58
CA ILE A 101 0.69 26.32 5.24
C ILE A 101 2.01 27.08 5.30
N ILE A 102 2.96 26.52 6.02
CA ILE A 102 4.33 27.00 6.01
C ILE A 102 5.18 26.02 5.20
N VAL A 103 5.90 26.53 4.20
CA VAL A 103 6.86 25.71 3.45
C VAL A 103 8.29 26.04 3.85
N SER A 104 9.17 25.05 3.80
CA SER A 104 10.55 25.24 4.27
C SER A 104 11.51 24.28 3.60
N ASP A 105 12.76 24.71 3.44
CA ASP A 105 13.80 23.88 2.84
C ASP A 105 15.18 24.37 3.28
N TYR A 106 16.18 23.50 3.18
CA TYR A 106 17.54 23.86 3.53
C TYR A 106 18.20 24.71 2.44
N THR A 107 17.83 24.45 1.19
CA THR A 107 18.57 24.96 0.05
C THR A 107 17.94 26.26 -0.46
N ASP A 108 18.68 27.37 -0.33
CA ASP A 108 18.15 28.71 -0.67
C ASP A 108 17.53 28.80 -2.06
N GLN A 109 18.24 28.29 -3.06
CA GLN A 109 17.75 28.39 -4.44
C GLN A 109 16.41 27.67 -4.66
N ASN A 110 16.15 26.62 -3.88
CA ASN A 110 14.85 25.95 -3.93
C ASN A 110 13.73 26.88 -3.47
N LEU A 111 14.01 27.61 -2.39
CA LEU A 111 13.05 28.60 -1.88
C LEU A 111 12.77 29.70 -2.91
N TRP A 112 13.81 30.19 -3.61
CA TRP A 112 13.61 31.19 -4.67
C TRP A 112 12.75 30.66 -5.82
N GLU A 113 12.98 29.41 -6.21
CA GLU A 113 12.24 28.78 -7.31
C GLU A 113 10.75 28.68 -6.95
N LEU A 114 10.49 28.27 -5.72
CA LEU A 114 9.15 28.18 -5.17
C LEU A 114 8.47 29.55 -5.24
N GLN A 115 9.20 30.59 -4.85
CA GLN A 115 8.70 31.97 -4.83
C GLN A 115 8.32 32.48 -6.21
N LYS A 116 9.05 32.06 -7.24
CA LYS A 116 8.71 32.40 -8.63
C LYS A 116 7.28 31.99 -8.95
N TRP A 117 6.91 30.78 -8.53
CA TRP A 117 5.57 30.27 -8.75
C TRP A 117 4.54 30.96 -7.85
N LEU A 118 4.84 31.06 -6.56
CA LEU A 118 3.95 31.72 -5.61
C LEU A 118 3.58 33.15 -6.06
N LYS A 119 4.56 33.86 -6.62
CA LYS A 119 4.35 35.24 -7.06
C LYS A 119 3.85 35.37 -8.50
N LYS A 120 3.60 34.24 -9.15
CA LYS A 120 3.04 34.20 -10.51
C LYS A 120 3.97 34.88 -11.53
N GLU A 121 5.27 34.65 -11.38
CA GLU A 121 6.27 35.28 -12.23
C GLU A 121 6.37 34.57 -13.59
N PRO A 122 6.67 35.32 -14.66
CA PRO A 122 7.04 34.70 -15.93
C PRO A 122 8.22 33.77 -15.74
N GLY A 123 8.15 32.60 -16.38
CA GLY A 123 9.21 31.61 -16.26
C GLY A 123 9.12 30.72 -15.03
N ALA A 124 8.10 30.93 -14.20
CA ALA A 124 7.82 30.00 -13.11
C ALA A 124 7.51 28.63 -13.70
N PHE A 125 7.84 27.57 -12.96
CA PHE A 125 7.59 26.21 -13.45
C PHE A 125 6.11 26.01 -13.76
N ASP A 126 5.83 25.31 -14.85
CA ASP A 126 4.45 25.01 -15.22
C ASP A 126 3.86 23.81 -14.45
N TRP A 127 3.09 24.10 -13.41
CA TRP A 127 2.46 23.06 -12.60
C TRP A 127 1.07 22.64 -13.09
N SER A 128 0.57 23.24 -14.17
CA SER A 128 -0.81 23.01 -14.65
CA SER A 128 -0.81 23.01 -14.61
C SER A 128 -1.22 21.54 -14.81
N PRO A 129 -0.38 20.72 -15.50
CA PRO A 129 -0.83 19.32 -15.63
C PRO A 129 -0.99 18.56 -14.31
N VAL A 130 -0.15 18.89 -13.33
CA VAL A 130 -0.28 18.33 -11.98
C VAL A 130 -1.54 18.87 -11.29
N VAL A 131 -1.73 20.19 -11.34
CA VAL A 131 -2.91 20.84 -10.74
C VAL A 131 -4.22 20.25 -11.31
N THR A 132 -4.27 20.12 -12.63
CA THR A 132 -5.41 19.52 -13.33
C THR A 132 -5.69 18.10 -12.86
N TYR A 133 -4.62 17.30 -12.70
CA TYR A 133 -4.75 15.92 -12.24
C TYR A 133 -5.35 15.87 -10.83
N VAL A 134 -4.87 16.72 -9.93
CA VAL A 134 -5.39 16.80 -8.57
C VAL A 134 -6.86 17.22 -8.57
N CYS A 135 -7.19 18.22 -9.39
CA CYS A 135 -8.56 18.67 -9.54
C CYS A 135 -9.49 17.54 -10.02
N ASP A 136 -9.00 16.76 -11.00
CA ASP A 136 -9.69 15.54 -11.43
C ASP A 136 -9.92 14.56 -10.27
N LEU A 137 -8.87 14.32 -9.48
CA LEU A 137 -8.94 13.42 -8.33
C LEU A 137 -10.00 13.86 -7.33
N GLU A 138 -10.10 15.17 -7.12
CA GLU A 138 -11.00 15.74 -6.12
C GLU A 138 -12.44 15.94 -6.65
N GLY A 139 -12.69 15.48 -7.88
CA GLY A 139 -14.03 15.46 -8.45
C GLY A 139 -14.41 16.66 -9.29
N ASN A 140 -13.40 17.43 -9.71
CA ASN A 140 -13.61 18.65 -10.51
C ASN A 140 -14.58 19.65 -9.90
N ARG A 141 -14.47 19.84 -8.59
CA ARG A 141 -15.30 20.81 -7.86
C ARG A 141 -14.78 22.22 -8.10
N MET A 142 -13.53 22.31 -8.55
CA MET A 142 -12.95 23.57 -8.99
C MET A 142 -12.07 23.33 -10.21
N LYS A 143 -11.67 24.42 -10.86
CA LYS A 143 -10.78 24.34 -12.01
C LYS A 143 -9.36 24.69 -11.57
N GLY A 144 -8.39 24.37 -12.42
CA GLY A 144 -6.98 24.67 -12.18
C GLY A 144 -6.69 26.01 -11.54
N PRO A 145 -7.04 27.13 -12.22
CA PRO A 145 -6.82 28.47 -11.70
C PRO A 145 -7.34 28.71 -10.28
N GLU A 146 -8.48 28.13 -9.94
CA GLU A 146 -9.05 28.26 -8.59
C GLU A 146 -8.22 27.51 -7.54
N LYS A 147 -7.80 26.30 -7.89
CA LYS A 147 -6.95 25.49 -7.00
C LYS A 147 -5.63 26.20 -6.72
N GLU A 148 -5.01 26.74 -7.76
CA GLU A 148 -3.74 27.46 -7.62
C GLU A 148 -3.87 28.67 -6.70
N GLU A 149 -4.95 29.43 -6.89
CA GLU A 149 -5.24 30.60 -6.05
C GLU A 149 -5.41 30.19 -4.58
N LYS A 150 -6.14 29.09 -4.35
CA LYS A 150 -6.38 28.58 -3.00
C LYS A 150 -5.08 28.20 -2.29
N LEU A 151 -4.15 27.59 -3.01
CA LEU A 151 -2.86 27.21 -2.44
C LEU A 151 -1.99 28.43 -2.15
N ARG A 152 -1.95 29.36 -3.10
CA ARG A 152 -1.20 30.61 -2.93
C ARG A 152 -1.66 31.33 -1.67
N ARG A 153 -2.98 31.38 -1.45
CA ARG A 153 -3.55 32.03 -0.27
C ARG A 153 -3.19 31.28 1.01
N ALA A 154 -3.17 29.95 0.94
CA ALA A 154 -2.84 29.08 2.08
C ALA A 154 -1.38 29.21 2.52
N ILE A 155 -0.47 29.36 1.57
CA ILE A 155 0.96 29.47 1.88
C ILE A 155 1.28 30.83 2.51
N LYS A 156 1.58 30.79 3.81
CA LYS A 156 1.79 32.00 4.62
C LYS A 156 3.26 32.38 4.78
N GLN A 157 4.14 31.38 4.84
CA GLN A 157 5.57 31.61 5.03
C GLN A 157 6.43 30.67 4.18
N VAL A 158 7.60 31.14 3.79
CA VAL A 158 8.60 30.34 3.09
C VAL A 158 9.90 30.46 3.87
N LEU A 159 10.27 29.42 4.59
CA LEU A 159 11.33 29.52 5.59
C LEU A 159 12.52 28.60 5.34
N LYS A 160 13.70 29.04 5.81
CA LYS A 160 14.87 28.18 5.89
C LYS A 160 14.63 27.13 6.99
N CYS A 161 15.06 25.90 6.73
CA CYS A 161 15.01 24.85 7.75
C CYS A 161 16.21 23.92 7.64
N ASP A 162 16.51 23.22 8.73
CA ASP A 162 17.55 22.20 8.76
C ASP A 162 17.10 21.08 9.70
N VAL A 163 16.68 19.95 9.12
CA VAL A 163 16.14 18.82 9.89
C VAL A 163 17.11 18.21 10.90
N THR A 164 18.40 18.48 10.73
CA THR A 164 19.44 17.91 11.58
C THR A 164 19.58 18.68 12.89
N GLN A 165 18.87 19.79 13.00
CA GLN A 165 19.01 20.67 14.17
C GLN A 165 17.85 20.49 15.14
N SER A 166 18.16 20.57 16.43
CA SER A 166 17.15 20.40 17.48
CA SER A 166 17.16 20.42 17.49
C SER A 166 15.98 21.36 17.29
N GLN A 167 16.26 22.53 16.74
CA GLN A 167 15.24 23.48 16.34
C GLN A 167 15.34 23.68 14.83
N PRO A 168 14.58 22.89 14.07
CA PRO A 168 14.73 22.84 12.61
C PRO A 168 14.44 24.15 11.88
N LEU A 169 13.57 25.00 12.43
CA LEU A 169 13.27 26.29 11.80
C LEU A 169 14.07 27.45 12.38
N GLY A 170 15.15 27.12 13.08
CA GLY A 170 16.06 28.12 13.64
C GLY A 170 15.53 28.79 14.90
N GLY A 171 14.54 28.16 15.52
CA GLY A 171 13.97 28.65 16.77
C GLY A 171 13.04 29.85 16.65
N VAL A 172 12.52 30.09 15.45
CA VAL A 172 11.52 31.15 15.24
C VAL A 172 10.25 30.85 16.03
N SER A 173 9.60 31.91 16.50
CA SER A 173 8.37 31.79 17.29
CA SER A 173 8.38 31.77 17.29
C SER A 173 7.19 31.41 16.40
N LEU A 174 6.73 30.18 16.52
CA LEU A 174 5.59 29.69 15.75
C LEU A 174 4.70 28.84 16.63
N PRO A 175 3.39 28.88 16.40
CA PRO A 175 2.51 27.98 17.16
C PRO A 175 2.78 26.54 16.77
N PRO A 176 2.52 25.59 17.69
CA PRO A 176 2.67 24.18 17.34
C PRO A 176 1.76 23.82 16.18
N ALA A 177 2.26 23.01 15.26
CA ALA A 177 1.51 22.66 14.05
C ALA A 177 0.49 21.57 14.32
N ASP A 178 -0.59 21.58 13.57
CA ASP A 178 -1.57 20.49 13.58
C ASP A 178 -1.11 19.32 12.72
N CYS A 179 -0.31 19.64 11.71
CA CYS A 179 0.26 18.62 10.84
C CYS A 179 1.67 18.99 10.42
N LEU A 180 2.55 17.99 10.44
CA LEU A 180 3.88 18.14 9.85
C LEU A 180 3.94 17.24 8.63
N LEU A 181 4.30 17.83 7.50
CA LEU A 181 4.41 17.10 6.25
C LEU A 181 5.88 17.09 5.83
N SER A 182 6.34 15.95 5.30
CA SER A 182 7.68 15.89 4.72
C SER A 182 7.72 14.86 3.61
N THR A 183 8.06 15.30 2.40
CA THR A 183 8.09 14.40 1.25
C THR A 183 9.48 14.34 0.65
N LEU A 184 10.01 13.11 0.54
CA LEU A 184 11.27 12.85 -0.14
C LEU A 184 12.47 13.64 0.41
N CYS A 185 12.43 13.92 1.72
CA CYS A 185 13.45 14.72 2.37
C CYS A 185 14.38 13.93 3.31
N LEU A 186 13.80 13.22 4.28
CA LEU A 186 14.59 12.62 5.37
C LEU A 186 15.65 11.62 4.90
N ASP A 187 15.28 10.78 3.92
CA ASP A 187 16.24 9.82 3.37
C ASP A 187 17.45 10.50 2.73
N ALA A 188 17.23 11.68 2.15
CA ALA A 188 18.31 12.46 1.51
C ALA A 188 19.16 13.22 2.52
N ALA A 189 18.54 13.59 3.65
CA ALA A 189 19.17 14.47 4.62
C ALA A 189 19.92 13.73 5.75
N CYS A 190 19.73 12.41 5.83
CA CYS A 190 20.28 11.59 6.94
C CYS A 190 21.21 10.47 6.44
N PRO A 191 22.48 10.51 6.87
CA PRO A 191 23.48 9.53 6.41
C PRO A 191 23.33 8.13 6.97
N ASP A 192 22.67 7.98 8.11
CA ASP A 192 22.48 6.68 8.73
C ASP A 192 21.23 6.63 9.61
N LEU A 193 20.88 5.45 10.09
CA LEU A 193 19.65 5.28 10.86
C LEU A 193 19.62 6.09 12.16
N PRO A 194 20.75 6.13 12.91
CA PRO A 194 20.77 7.06 14.06
C PRO A 194 20.46 8.53 13.71
N ALA A 195 20.98 9.01 12.58
CA ALA A 195 20.64 10.36 12.11
C ALA A 195 19.16 10.51 11.72
N TYR A 196 18.60 9.46 11.11
CA TYR A 196 17.19 9.45 10.73
C TYR A 196 16.30 9.57 11.98
N ARG A 197 16.65 8.78 13.01
CA ARG A 197 15.96 8.85 14.30
C ARG A 197 16.01 10.25 14.88
N THR A 198 17.18 10.89 14.80
CA THR A 198 17.37 12.24 15.31
C THR A 198 16.51 13.26 14.56
N ALA A 199 16.48 13.16 13.22
CA ALA A 199 15.67 14.05 12.41
C ALA A 199 14.18 13.93 12.77
N LEU A 200 13.72 12.71 13.01
CA LEU A 200 12.34 12.47 13.43
C LEU A 200 12.04 13.15 14.76
N ARG A 201 12.95 13.00 15.72
CA ARG A 201 12.81 13.67 17.01
C ARG A 201 12.76 15.20 16.83
N ASN A 202 13.68 15.72 16.01
CA ASN A 202 13.77 17.15 15.75
C ASN A 202 12.46 17.71 15.18
N LEU A 203 11.85 16.98 14.25
CA LEU A 203 10.59 17.40 13.64
C LEU A 203 9.44 17.48 14.65
N GLY A 204 9.40 16.51 15.57
CA GLY A 204 8.38 16.46 16.63
C GLY A 204 8.28 17.71 17.47
N SER A 205 9.40 18.43 17.62
CA SER A 205 9.43 19.70 18.33
C SER A 205 8.47 20.74 17.74
N LEU A 206 8.06 20.54 16.49
CA LEU A 206 7.23 21.50 15.77
C LEU A 206 5.74 21.14 15.81
N LEU A 207 5.43 19.96 16.33
CA LEU A 207 4.08 19.39 16.21
C LEU A 207 3.39 19.31 17.56
N LYS A 208 2.12 19.70 17.60
CA LYS A 208 1.37 19.62 18.86
C LYS A 208 1.03 18.18 19.20
N PRO A 209 0.91 17.87 20.51
CA PRO A 209 0.38 16.56 20.90
C PRO A 209 -0.99 16.36 20.25
N GLY A 210 -1.24 15.15 19.75
CA GLY A 210 -2.44 14.87 18.97
C GLY A 210 -2.29 15.21 17.49
N GLY A 211 -1.20 15.90 17.15
CA GLY A 211 -0.98 16.34 15.76
C GLY A 211 -0.62 15.18 14.86
N PHE A 212 -0.67 15.43 13.55
CA PHE A 212 -0.39 14.40 12.55
C PHE A 212 0.98 14.57 11.92
N LEU A 213 1.66 13.45 11.73
CA LEU A 213 2.86 13.41 10.91
C LEU A 213 2.52 12.70 9.61
N VAL A 214 2.71 13.39 8.50
CA VAL A 214 2.50 12.78 7.19
C VAL A 214 3.85 12.73 6.48
N MET A 215 4.30 11.53 6.13
CA MET A 215 5.60 11.40 5.50
C MET A 215 5.55 10.57 4.23
N VAL A 216 6.34 10.98 3.24
CA VAL A 216 6.54 10.23 2.00
C VAL A 216 8.04 10.15 1.75
N ASP A 217 8.53 8.98 1.33
CA ASP A 217 9.92 8.87 0.96
C ASP A 217 10.19 7.63 0.11
N ALA A 218 11.38 7.57 -0.47
CA ALA A 218 11.77 6.42 -1.28
C ALA A 218 12.12 5.24 -0.36
N LEU A 219 11.84 4.02 -0.83
CA LEU A 219 12.26 2.81 -0.12
C LEU A 219 13.50 2.20 -0.75
N LYS A 220 14.43 1.76 0.11
CA LYS A 220 15.67 1.09 -0.31
C LYS A 220 16.46 1.85 -1.38
N SER A 221 16.44 3.18 -1.30
CA SER A 221 17.18 4.01 -2.25
C SER A 221 18.48 4.48 -1.62
N SER A 222 19.60 4.28 -2.33
CA SER A 222 20.87 4.80 -1.85
C SER A 222 21.35 6.03 -2.64
N TYR A 223 20.66 6.37 -3.72
CA TYR A 223 20.95 7.59 -4.48
C TYR A 223 19.78 8.03 -5.35
N TYR A 224 19.79 9.30 -5.75
CA TYR A 224 18.94 9.79 -6.83
C TYR A 224 19.72 10.83 -7.65
N MET A 225 19.40 10.91 -8.94
CA MET A 225 20.11 11.80 -9.86
C MET A 225 19.29 13.00 -10.27
N ILE A 226 19.97 14.12 -10.50
CA ILE A 226 19.40 15.23 -11.25
C ILE A 226 20.36 15.49 -12.40
N GLY A 227 20.09 14.87 -13.54
CA GLY A 227 21.04 14.85 -14.65
C GLY A 227 22.28 14.08 -14.24
N GLU A 228 23.43 14.74 -14.35
CA GLU A 228 24.71 14.15 -13.96
C GLU A 228 24.98 14.23 -12.46
N GLN A 229 24.22 15.06 -11.75
CA GLN A 229 24.45 15.31 -10.33
C GLN A 229 23.85 14.17 -9.50
N LYS A 230 24.69 13.54 -8.68
CA LYS A 230 24.25 12.44 -7.82
C LYS A 230 24.07 12.91 -6.38
N PHE A 231 22.96 12.51 -5.77
CA PHE A 231 22.71 12.81 -4.35
C PHE A 231 22.44 11.52 -3.61
N SER A 232 23.03 11.39 -2.41
CA SER A 232 22.89 10.18 -1.60
CA SER A 232 22.88 10.16 -1.65
C SER A 232 21.49 10.03 -1.02
N SER A 233 21.16 8.80 -0.64
CA SER A 233 19.93 8.51 0.08
C SER A 233 20.22 7.36 1.05
N LEU A 234 19.50 7.36 2.15
CA LEU A 234 19.54 6.28 3.13
C LEU A 234 18.56 5.20 2.68
N PRO A 235 19.07 3.99 2.37
CA PRO A 235 18.19 2.90 1.96
C PRO A 235 17.54 2.20 3.17
N LEU A 236 16.24 2.43 3.31
CA LEU A 236 15.46 1.83 4.39
C LEU A 236 14.29 1.08 3.78
N GLY A 237 14.05 -0.12 4.30
CA GLY A 237 12.86 -0.89 3.94
C GLY A 237 11.66 -0.36 4.71
N TRP A 238 10.46 -0.72 4.27
CA TRP A 238 9.25 -0.18 4.91
C TRP A 238 9.14 -0.55 6.40
N GLU A 239 9.56 -1.76 6.76
CA GLU A 239 9.54 -2.20 8.16
C GLU A 239 10.40 -1.33 9.05
N THR A 240 11.57 -0.95 8.52
CA THR A 240 12.52 -0.11 9.25
C THR A 240 11.94 1.29 9.49
N VAL A 241 11.29 1.83 8.47
CA VAL A 241 10.62 3.13 8.57
C VAL A 241 9.52 3.04 9.63
N ARG A 242 8.69 2.00 9.52
CA ARG A 242 7.63 1.74 10.50
C ARG A 242 8.20 1.77 11.93
N ASP A 243 9.23 0.96 12.15
CA ASP A 243 9.83 0.82 13.48
C ASP A 243 10.41 2.13 14.00
N ALA A 244 11.12 2.87 13.15
CA ALA A 244 11.70 4.17 13.55
C ALA A 244 10.61 5.19 13.95
N VAL A 245 9.51 5.23 13.20
CA VAL A 245 8.41 6.15 13.46
C VAL A 245 7.68 5.77 14.77
N GLU A 246 7.44 4.48 14.95
CA GLU A 246 6.77 3.98 16.15
C GLU A 246 7.62 4.20 17.38
N GLU A 247 8.93 3.95 17.26
CA GLU A 247 9.89 4.17 18.35
C GLU A 247 10.07 5.66 18.68
N ALA A 248 9.64 6.54 17.76
CA ALA A 248 9.60 7.98 18.01
C ALA A 248 8.31 8.41 18.72
N GLY A 249 7.44 7.44 19.01
CA GLY A 249 6.23 7.66 19.80
C GLY A 249 4.92 7.67 19.01
N TYR A 250 5.03 7.71 17.68
CA TYR A 250 3.85 7.86 16.82
C TYR A 250 3.04 6.59 16.67
N THR A 251 1.73 6.73 16.82
CA THR A 251 0.82 5.68 16.42
C THR A 251 0.61 5.82 14.92
N ILE A 252 0.97 4.78 14.17
CA ILE A 252 0.77 4.78 12.72
C ILE A 252 -0.69 4.48 12.42
N GLU A 253 -1.37 5.48 11.84
CA GLU A 253 -2.78 5.37 11.49
C GLU A 253 -2.98 4.83 10.08
N GLN A 254 -2.07 5.19 9.17
CA GLN A 254 -2.10 4.76 7.77
C GLN A 254 -0.67 4.50 7.31
N PHE A 255 -0.48 3.43 6.52
CA PHE A 255 0.81 3.14 5.90
C PHE A 255 0.56 2.43 4.58
N GLU A 256 1.11 2.96 3.51
CA GLU A 256 0.97 2.34 2.19
C GLU A 256 2.30 2.30 1.49
N VAL A 257 2.50 1.26 0.69
CA VAL A 257 3.68 1.13 -0.14
C VAL A 257 3.27 1.42 -1.59
N ILE A 258 4.06 2.28 -2.25
CA ILE A 258 3.96 2.55 -3.67
C ILE A 258 4.98 1.64 -4.35
N SER A 259 4.50 0.70 -5.16
CA SER A 259 5.36 -0.35 -5.71
C SER A 259 6.16 0.06 -6.97
N GLN A 260 6.07 1.33 -7.37
CA GLN A 260 6.76 1.84 -8.57
C GLN A 260 8.20 2.29 -8.34
N ASN A 261 9.05 2.10 -9.35
CA ASN A 261 10.47 2.46 -9.29
C ASN A 261 10.79 3.64 -10.19
N TYR A 262 11.72 4.49 -9.77
CA TYR A 262 12.22 5.54 -10.65
C TYR A 262 13.00 4.89 -11.81
N SER A 263 13.22 5.68 -12.87
CA SER A 263 13.92 5.20 -14.07
C SER A 263 15.26 4.57 -13.77
N SER A 264 15.64 3.58 -14.58
CA SER A 264 16.94 2.95 -14.49
C SER A 264 18.06 3.98 -14.54
N THR A 265 19.02 3.85 -13.61
CA THR A 265 20.18 4.76 -13.43
C THR A 265 19.83 6.15 -12.83
N THR A 266 18.54 6.42 -12.64
CA THR A 266 18.08 7.65 -11.98
C THR A 266 18.05 7.45 -10.46
N SER A 267 17.71 6.22 -10.05
CA SER A 267 17.71 5.82 -8.64
C SER A 267 17.76 4.31 -8.59
N ASN A 268 18.06 3.76 -7.43
CA ASN A 268 17.95 2.33 -7.22
C ASN A 268 16.86 1.98 -6.22
N ASN A 269 15.89 2.90 -6.03
CA ASN A 269 14.78 2.66 -5.12
C ASN A 269 13.96 1.43 -5.50
N GLU A 270 13.34 0.82 -4.51
CA GLU A 270 12.33 -0.21 -4.73
C GLU A 270 11.05 0.31 -4.10
N GLY A 271 10.28 1.05 -4.88
CA GLY A 271 9.05 1.65 -4.40
C GLY A 271 9.26 2.85 -3.49
N LEU A 272 8.15 3.32 -2.93
CA LEU A 272 8.12 4.45 -2.00
C LEU A 272 7.07 4.11 -0.94
N PHE A 273 7.00 4.92 0.10
CA PHE A 273 5.94 4.76 1.10
C PHE A 273 5.23 6.09 1.35
N SER A 274 4.00 5.99 1.83
CA SER A 274 3.33 7.11 2.48
C SER A 274 2.80 6.65 3.82
N LEU A 275 2.78 7.54 4.81
CA LEU A 275 2.27 7.17 6.12
C LEU A 275 1.65 8.36 6.84
N VAL A 276 0.76 8.04 7.77
CA VAL A 276 0.18 9.03 8.67
C VAL A 276 0.37 8.51 10.09
N GLY A 277 1.07 9.29 10.90
CA GLY A 277 1.26 8.98 12.31
C GLY A 277 0.60 10.06 13.16
N ARG A 278 0.17 9.69 14.36
CA ARG A 278 -0.37 10.66 15.32
C ARG A 278 0.55 10.77 16.54
N LYS A 279 0.93 12.00 16.86
CA LYS A 279 1.77 12.27 18.01
C LYS A 279 0.94 12.04 19.29
N PRO A 280 1.50 11.29 20.26
CA PRO A 280 0.75 10.99 21.48
C PRO A 280 0.48 12.25 22.31
N GLY A 281 -0.54 12.18 23.16
CA GLY A 281 -0.82 13.25 24.10
C GLY A 281 0.35 13.41 25.05
N ARG A 282 0.46 14.60 25.66
CA ARG A 282 1.55 14.87 26.58
C ARG A 282 1.39 14.13 27.91
N SER A 283 2.50 13.65 28.44
CA SER A 283 2.51 12.92 29.69
C SER A 283 3.46 13.61 30.66
N GLU A 284 4.72 13.18 30.64
CA GLU A 284 5.78 13.83 31.40
C GLU A 284 6.15 15.15 30.73
N GLY B 24 6.82 -23.78 3.05
CA GLY B 24 6.45 -25.07 2.39
C GLY B 24 7.29 -26.27 2.80
N PHE B 25 7.96 -26.20 3.94
CA PHE B 25 8.63 -27.36 4.55
C PHE B 25 7.60 -28.43 4.93
N THR B 26 6.48 -28.00 5.48
CA THR B 26 5.31 -28.85 5.73
C THR B 26 4.88 -29.59 4.46
N SER B 27 4.77 -30.92 4.55
CA SER B 27 4.34 -31.74 3.41
C SER B 27 2.83 -31.65 3.22
N LYS B 28 2.37 -31.94 2.00
CA LYS B 28 0.92 -31.89 1.75
C LYS B 28 0.14 -33.01 2.48
N ASP B 29 0.83 -34.12 2.76
CA ASP B 29 0.27 -35.17 3.62
C ASP B 29 -0.06 -34.65 5.02
N THR B 30 0.77 -33.74 5.54
CA THR B 30 0.54 -33.12 6.84
C THR B 30 -0.72 -32.24 6.84
N TYR B 31 -1.04 -31.63 5.71
CA TYR B 31 -2.31 -30.90 5.60
C TYR B 31 -3.49 -31.84 5.77
N LEU B 32 -3.46 -32.97 5.04
CA LEU B 32 -4.55 -33.93 5.08
C LEU B 32 -4.83 -34.47 6.47
N SER B 33 -3.77 -34.71 7.24
CA SER B 33 -3.92 -35.34 8.56
C SER B 33 -3.96 -34.36 9.74
N HIS B 34 -3.53 -33.11 9.53
CA HIS B 34 -3.38 -32.18 10.66
C HIS B 34 -4.01 -30.79 10.53
N PHE B 35 -4.44 -30.40 9.33
CA PHE B 35 -5.12 -29.11 9.15
C PHE B 35 -6.54 -29.21 9.68
N ASN B 36 -6.83 -28.48 10.75
CA ASN B 36 -8.15 -28.48 11.36
C ASN B 36 -8.93 -27.23 10.95
N PRO B 37 -9.93 -27.40 10.05
CA PRO B 37 -10.66 -26.28 9.45
C PRO B 37 -11.35 -25.42 10.49
N ARG B 38 -11.94 -26.06 11.51
CA ARG B 38 -12.71 -25.34 12.52
C ARG B 38 -11.82 -24.45 13.38
N ASP B 39 -10.66 -24.97 13.77
CA ASP B 39 -9.69 -24.18 14.55
C ASP B 39 -9.11 -23.05 13.71
N TYR B 40 -8.91 -23.31 12.42
CA TYR B 40 -8.42 -22.28 11.49
C TYR B 40 -9.39 -21.09 11.44
N LEU B 41 -10.66 -21.39 11.21
CA LEU B 41 -11.73 -20.38 11.12
C LEU B 41 -11.94 -19.60 12.42
N GLU B 42 -11.89 -20.30 13.55
CA GLU B 42 -12.02 -19.67 14.86
C GLU B 42 -10.91 -18.65 15.11
N LYS B 43 -9.68 -19.04 14.78
CA LYS B 43 -8.49 -18.24 15.03
C LYS B 43 -8.45 -16.99 14.14
N TYR B 44 -8.68 -17.18 12.84
CA TYR B 44 -8.39 -16.16 11.85
C TYR B 44 -9.61 -15.38 11.31
N TYR B 45 -10.80 -15.97 11.40
CA TYR B 45 -11.96 -15.38 10.72
C TYR B 45 -13.23 -15.20 11.57
N SER B 46 -13.07 -15.18 12.89
CA SER B 46 -14.20 -15.06 13.82
C SER B 46 -14.80 -13.68 13.95
N PHE B 47 -13.99 -12.64 13.70
CA PHE B 47 -14.27 -11.28 14.17
C PHE B 47 -14.52 -11.23 15.69
N GLY B 48 -13.90 -12.16 16.41
CA GLY B 48 -14.07 -12.24 17.87
C GLY B 48 -13.31 -11.16 18.60
N SER B 49 -13.73 -10.87 19.84
CA SER B 49 -13.02 -9.92 20.71
C SER B 49 -11.55 -10.32 20.84
N ARG B 50 -11.32 -11.60 21.12
CA ARG B 50 -9.97 -12.18 21.09
C ARG B 50 -9.51 -12.22 19.63
N HIS B 51 -8.20 -12.14 19.42
CA HIS B 51 -7.60 -12.09 18.08
C HIS B 51 -7.79 -10.72 17.41
N CYS B 52 -7.43 -9.66 18.14
CA CYS B 52 -7.45 -8.28 17.63
C CYS B 52 -6.65 -8.12 16.33
N ALA B 53 -5.44 -8.67 16.31
CA ALA B 53 -4.53 -8.54 15.16
C ALA B 53 -5.08 -9.23 13.91
N GLU B 54 -5.71 -10.39 14.13
CA GLU B 54 -6.33 -11.18 13.05
C GLU B 54 -7.54 -10.44 12.46
N ASN B 55 -8.31 -9.80 13.32
CA ASN B 55 -9.45 -8.98 12.90
C ASN B 55 -9.03 -7.77 12.08
N GLU B 56 -7.95 -7.10 12.49
CA GLU B 56 -7.48 -5.92 11.76
C GLU B 56 -7.05 -6.31 10.34
N ILE B 57 -6.31 -7.42 10.23
CA ILE B 57 -5.86 -7.93 8.93
C ILE B 57 -7.07 -8.26 8.04
N LEU B 58 -8.04 -8.96 8.61
CA LEU B 58 -9.26 -9.31 7.88
C LEU B 58 -9.98 -8.08 7.33
N ARG B 59 -10.13 -7.04 8.16
CA ARG B 59 -10.78 -5.79 7.74
C ARG B 59 -10.04 -5.20 6.54
N HIS B 60 -8.71 -5.15 6.61
CA HIS B 60 -7.91 -4.62 5.52
C HIS B 60 -8.02 -5.48 4.27
N LEU B 61 -7.99 -6.80 4.46
CA LEU B 61 -8.16 -7.74 3.33
C LEU B 61 -9.47 -7.48 2.61
N LEU B 62 -10.56 -7.32 3.37
CA LEU B 62 -11.88 -7.05 2.81
C LEU B 62 -11.94 -5.73 2.05
N LYS B 63 -11.28 -4.71 2.59
CA LYS B 63 -11.22 -3.40 1.93
C LYS B 63 -10.51 -3.52 0.57
N ASN B 64 -9.38 -4.23 0.55
CA ASN B 64 -8.60 -4.40 -0.67
C ASN B 64 -9.32 -5.23 -1.73
N LEU B 65 -10.00 -6.27 -1.29
CA LEU B 65 -10.77 -7.12 -2.21
C LEU B 65 -11.95 -6.36 -2.81
N PHE B 66 -12.58 -5.50 -2.01
CA PHE B 66 -13.62 -4.59 -2.51
C PHE B 66 -13.06 -3.70 -3.61
N LYS B 67 -11.94 -3.04 -3.35
CA LYS B 67 -11.28 -2.20 -4.36
C LYS B 67 -10.93 -2.99 -5.63
N ILE B 68 -10.41 -4.21 -5.46
CA ILE B 68 -10.01 -5.05 -6.59
C ILE B 68 -11.21 -5.44 -7.47
N PHE B 69 -12.26 -5.96 -6.83
CA PHE B 69 -13.38 -6.53 -7.57
C PHE B 69 -14.49 -5.56 -7.91
N CYS B 70 -14.62 -4.48 -7.14
CA CYS B 70 -15.73 -3.56 -7.33
C CYS B 70 -15.34 -2.22 -7.96
N LEU B 71 -14.13 -1.76 -7.69
CA LEU B 71 -13.68 -0.46 -8.21
C LEU B 71 -12.77 -0.55 -9.44
N GLY B 72 -12.36 -1.77 -9.77
CA GLY B 72 -11.41 -1.99 -10.88
C GLY B 72 -12.02 -2.57 -12.14
N ALA B 73 -11.14 -3.08 -13.00
CA ALA B 73 -11.53 -3.66 -14.28
C ALA B 73 -11.61 -5.19 -14.22
N VAL B 74 -11.56 -5.75 -13.01
CA VAL B 74 -11.58 -7.20 -12.84
C VAL B 74 -13.01 -7.74 -12.90
N LYS B 75 -13.42 -8.10 -14.11
CA LYS B 75 -14.76 -8.62 -14.38
C LYS B 75 -14.67 -9.81 -15.33
N GLY B 76 -15.72 -10.61 -15.36
CA GLY B 76 -15.80 -11.74 -16.27
C GLY B 76 -16.91 -12.67 -15.86
N GLU B 77 -16.92 -13.86 -16.44
CA GLU B 77 -17.94 -14.85 -16.12
C GLU B 77 -17.45 -15.84 -15.07
N LEU B 78 -16.29 -16.45 -15.33
CA LEU B 78 -15.78 -17.54 -14.51
C LEU B 78 -14.52 -17.16 -13.71
N LEU B 79 -14.61 -17.34 -12.40
CA LEU B 79 -13.49 -17.16 -11.49
C LEU B 79 -13.18 -18.51 -10.83
N ILE B 80 -11.91 -18.89 -10.81
CA ILE B 80 -11.47 -20.08 -10.09
C ILE B 80 -10.64 -19.65 -8.88
N ASP B 81 -11.06 -20.09 -7.71
CA ASP B 81 -10.36 -19.84 -6.47
C ASP B 81 -9.54 -21.07 -6.12
N ILE B 82 -8.23 -20.86 -5.96
CA ILE B 82 -7.28 -21.94 -5.75
C ILE B 82 -6.78 -21.87 -4.30
N GLY B 83 -6.90 -22.99 -3.59
CA GLY B 83 -6.50 -23.07 -2.18
C GLY B 83 -7.46 -22.29 -1.30
N SER B 84 -8.76 -22.46 -1.58
CA SER B 84 -9.84 -21.75 -0.88
CA SER B 84 -9.83 -21.75 -0.88
C SER B 84 -9.81 -22.00 0.62
N GLY B 85 -9.33 -23.18 1.01
CA GLY B 85 -9.42 -23.62 2.40
C GLY B 85 -10.89 -23.72 2.76
N PRO B 86 -11.23 -23.50 4.04
CA PRO B 86 -12.63 -23.51 4.48
C PRO B 86 -13.27 -22.12 4.49
N THR B 87 -12.70 -21.17 3.74
CA THR B 87 -13.11 -19.76 3.84
C THR B 87 -13.89 -19.27 2.61
N ILE B 88 -14.79 -18.32 2.86
CA ILE B 88 -15.56 -17.66 1.79
C ILE B 88 -15.36 -16.14 1.75
N TYR B 89 -14.61 -15.58 2.72
CA TYR B 89 -14.44 -14.11 2.81
C TYR B 89 -13.87 -13.54 1.51
N GLN B 90 -12.98 -14.30 0.86
CA GLN B 90 -12.26 -13.82 -0.32
C GLN B 90 -13.15 -13.79 -1.56
N LEU B 91 -14.37 -14.33 -1.44
CA LEU B 91 -15.30 -14.41 -2.57
C LEU B 91 -16.47 -13.42 -2.46
N LEU B 92 -16.59 -12.72 -1.33
CA LEU B 92 -17.77 -11.90 -1.10
C LEU B 92 -17.93 -10.73 -2.07
N SER B 93 -16.86 -9.95 -2.28
CA SER B 93 -16.91 -8.88 -3.27
C SER B 93 -16.79 -9.44 -4.69
N ALA B 94 -16.03 -10.52 -4.85
CA ALA B 94 -15.85 -11.18 -6.15
C ALA B 94 -17.17 -11.57 -6.80
N CYS B 95 -18.12 -12.05 -6.01
CA CYS B 95 -19.39 -12.51 -6.56
C CYS B 95 -20.24 -11.37 -7.13
N GLU B 96 -19.81 -10.13 -6.90
CA GLU B 96 -20.43 -8.97 -7.57
C GLU B 96 -19.93 -8.82 -9.01
N SER B 97 -18.78 -9.43 -9.31
CA SER B 97 -18.15 -9.27 -10.63
C SER B 97 -18.11 -10.56 -11.45
N PHE B 98 -18.38 -11.70 -10.80
CA PHE B 98 -18.29 -13.01 -11.46
C PHE B 98 -19.49 -13.85 -11.05
N THR B 99 -20.19 -14.37 -12.05
CA THR B 99 -21.42 -15.11 -11.85
C THR B 99 -21.16 -16.61 -11.68
N GLU B 100 -19.96 -17.05 -12.06
CA GLU B 100 -19.59 -18.45 -11.90
C GLU B 100 -18.28 -18.54 -11.14
N ILE B 101 -18.33 -19.20 -9.98
CA ILE B 101 -17.16 -19.35 -9.13
C ILE B 101 -16.88 -20.83 -8.86
N ILE B 102 -15.63 -21.23 -9.05
CA ILE B 102 -15.18 -22.55 -8.64
C ILE B 102 -14.26 -22.39 -7.43
N VAL B 103 -14.60 -23.10 -6.35
CA VAL B 103 -13.75 -23.17 -5.16
C VAL B 103 -13.02 -24.51 -5.16
N SER B 104 -11.77 -24.48 -4.71
CA SER B 104 -10.91 -25.66 -4.78
C SER B 104 -9.85 -25.63 -3.69
N ASP B 105 -9.48 -26.81 -3.20
CA ASP B 105 -8.46 -26.93 -2.17
C ASP B 105 -7.85 -28.31 -2.19
N TYR B 106 -6.64 -28.41 -1.65
CA TYR B 106 -5.98 -29.69 -1.54
C TYR B 106 -6.59 -30.59 -0.47
N THR B 107 -7.13 -29.95 0.58
CA THR B 107 -7.47 -30.65 1.81
C THR B 107 -8.96 -30.95 1.90
N ASP B 108 -9.28 -32.26 1.87
CA ASP B 108 -10.65 -32.75 1.86
C ASP B 108 -11.56 -32.12 2.91
N GLN B 109 -11.07 -32.04 4.15
CA GLN B 109 -11.88 -31.51 5.25
C GLN B 109 -12.22 -30.02 5.11
N ASN B 110 -11.38 -29.27 4.38
CA ASN B 110 -11.70 -27.88 4.07
C ASN B 110 -12.89 -27.76 3.13
N LEU B 111 -12.95 -28.65 2.15
CA LEU B 111 -14.06 -28.67 1.20
C LEU B 111 -15.38 -29.06 1.90
N TRP B 112 -15.29 -29.94 2.88
CA TRP B 112 -16.46 -30.35 3.65
C TRP B 112 -16.99 -29.17 4.45
N GLU B 113 -16.07 -28.37 4.97
CA GLU B 113 -16.43 -27.16 5.70
C GLU B 113 -17.17 -26.15 4.81
N LEU B 114 -16.70 -25.96 3.57
CA LEU B 114 -17.40 -25.09 2.61
C LEU B 114 -18.80 -25.62 2.28
N GLN B 115 -18.90 -26.93 2.12
CA GLN B 115 -20.18 -27.56 1.79
C GLN B 115 -21.22 -27.37 2.91
N LYS B 116 -20.78 -27.38 4.16
CA LYS B 116 -21.67 -27.11 5.29
C LYS B 116 -22.33 -25.73 5.15
N TRP B 117 -21.53 -24.74 4.79
CA TRP B 117 -22.04 -23.38 4.60
C TRP B 117 -22.96 -23.31 3.37
N LEU B 118 -22.50 -23.86 2.25
CA LEU B 118 -23.28 -23.90 1.02
C LEU B 118 -24.66 -24.54 1.22
N LYS B 119 -24.69 -25.64 1.97
CA LYS B 119 -25.93 -26.40 2.17
C LYS B 119 -26.80 -25.90 3.34
N LYS B 120 -26.31 -24.87 4.05
CA LYS B 120 -26.98 -24.30 5.23
C LYS B 120 -27.16 -25.34 6.36
N GLU B 121 -26.13 -26.16 6.56
CA GLU B 121 -26.17 -27.18 7.60
C GLU B 121 -25.84 -26.59 8.98
N PRO B 122 -26.36 -27.22 10.06
CA PRO B 122 -26.17 -26.80 11.46
C PRO B 122 -24.72 -26.47 11.87
N GLY B 123 -23.76 -27.28 11.45
CA GLY B 123 -22.36 -27.08 11.85
C GLY B 123 -21.57 -26.06 11.05
N ALA B 124 -22.24 -25.35 10.14
CA ALA B 124 -21.61 -24.35 9.28
C ALA B 124 -21.08 -23.17 10.09
N PHE B 125 -19.89 -22.69 9.72
CA PHE B 125 -19.29 -21.51 10.35
C PHE B 125 -20.19 -20.29 10.15
N ASP B 126 -20.27 -19.45 11.18
CA ASP B 126 -21.06 -18.21 11.10
C ASP B 126 -20.23 -17.08 10.50
N TRP B 127 -20.50 -16.79 9.24
CA TRP B 127 -19.82 -15.71 8.50
C TRP B 127 -20.56 -14.35 8.58
N SER B 128 -21.64 -14.30 9.36
CA SER B 128 -22.50 -13.09 9.44
C SER B 128 -21.74 -11.76 9.60
N PRO B 129 -20.81 -11.66 10.60
CA PRO B 129 -20.09 -10.40 10.82
C PRO B 129 -19.24 -9.98 9.63
N VAL B 130 -18.67 -10.97 8.93
CA VAL B 130 -17.86 -10.73 7.75
C VAL B 130 -18.75 -10.27 6.60
N VAL B 131 -19.86 -10.97 6.39
CA VAL B 131 -20.85 -10.62 5.37
C VAL B 131 -21.35 -9.18 5.53
N THR B 132 -21.76 -8.83 6.76
CA THR B 132 -22.23 -7.48 7.07
C THR B 132 -21.19 -6.39 6.76
N TYR B 133 -19.94 -6.65 7.13
CA TYR B 133 -18.84 -5.72 6.89
C TYR B 133 -18.68 -5.43 5.40
N VAL B 134 -18.72 -6.49 4.59
CA VAL B 134 -18.60 -6.34 3.14
C VAL B 134 -19.80 -5.59 2.56
N CYS B 135 -21.00 -5.97 3.00
CA CYS B 135 -22.21 -5.26 2.60
C CYS B 135 -22.13 -3.77 2.95
N ASP B 136 -21.55 -3.45 4.11
CA ASP B 136 -21.31 -2.07 4.53
C ASP B 136 -20.37 -1.35 3.55
N LEU B 137 -19.26 -1.98 3.20
CA LEU B 137 -18.31 -1.43 2.22
C LEU B 137 -18.98 -1.11 0.88
N GLU B 138 -19.89 -1.99 0.47
CA GLU B 138 -20.61 -1.86 -0.79
C GLU B 138 -21.84 -0.95 -0.68
N GLY B 139 -22.01 -0.31 0.47
CA GLY B 139 -22.97 0.79 0.66
C GLY B 139 -24.38 0.38 1.07
N ASN B 140 -24.55 -0.86 1.52
CA ASN B 140 -25.88 -1.35 1.92
C ASN B 140 -25.79 -2.43 2.99
N ARG B 141 -25.87 -2.01 4.26
CA ARG B 141 -25.74 -2.92 5.40
C ARG B 141 -26.90 -3.91 5.54
N MET B 142 -27.95 -3.71 4.75
CA MET B 142 -29.20 -4.46 4.88
C MET B 142 -29.34 -5.64 3.93
N LYS B 143 -28.39 -5.80 3.00
CA LYS B 143 -28.52 -6.81 1.95
C LYS B 143 -27.81 -8.14 2.27
N GLY B 144 -27.39 -8.31 3.52
CA GLY B 144 -26.73 -9.55 3.96
C GLY B 144 -27.31 -10.85 3.41
N PRO B 145 -28.61 -11.11 3.66
CA PRO B 145 -29.22 -12.35 3.13
C PRO B 145 -29.15 -12.48 1.59
N GLU B 146 -29.28 -11.36 0.89
CA GLU B 146 -29.16 -11.31 -0.57
C GLU B 146 -27.72 -11.61 -1.02
N LYS B 147 -26.74 -10.98 -0.35
CA LYS B 147 -25.32 -11.25 -0.59
C LYS B 147 -24.96 -12.73 -0.42
N GLU B 148 -25.41 -13.31 0.69
CA GLU B 148 -25.16 -14.72 0.98
C GLU B 148 -25.73 -15.67 -0.07
N GLU B 149 -26.96 -15.42 -0.51
CA GLU B 149 -27.56 -16.26 -1.55
C GLU B 149 -26.84 -16.07 -2.88
N LYS B 150 -26.45 -14.82 -3.18
CA LYS B 150 -25.69 -14.50 -4.39
C LYS B 150 -24.42 -15.35 -4.46
N LEU B 151 -23.67 -15.38 -3.35
CA LEU B 151 -22.44 -16.17 -3.29
C LEU B 151 -22.69 -17.67 -3.34
N ARG B 152 -23.66 -18.13 -2.55
CA ARG B 152 -24.05 -19.54 -2.56
C ARG B 152 -24.34 -20.01 -4.00
N ARG B 153 -25.14 -19.23 -4.73
CA ARG B 153 -25.48 -19.58 -6.12
C ARG B 153 -24.30 -19.51 -7.07
N ALA B 154 -23.44 -18.50 -6.88
CA ALA B 154 -22.28 -18.32 -7.74
C ALA B 154 -21.34 -19.53 -7.73
N ILE B 155 -21.21 -20.19 -6.58
CA ILE B 155 -20.29 -21.33 -6.47
C ILE B 155 -20.88 -22.53 -7.22
N LYS B 156 -20.29 -22.87 -8.35
CA LYS B 156 -20.84 -23.92 -9.21
C LYS B 156 -20.19 -25.28 -8.96
N GLN B 157 -18.91 -25.26 -8.55
CA GLN B 157 -18.21 -26.51 -8.26
C GLN B 157 -17.33 -26.36 -7.01
N VAL B 158 -17.13 -27.48 -6.33
CA VAL B 158 -16.25 -27.58 -5.17
C VAL B 158 -15.30 -28.74 -5.47
N LEU B 159 -14.03 -28.39 -5.74
CA LEU B 159 -13.10 -29.35 -6.32
C LEU B 159 -11.80 -29.52 -5.55
N LYS B 160 -11.19 -30.68 -5.71
CA LYS B 160 -9.81 -30.92 -5.27
C LYS B 160 -8.86 -30.20 -6.21
N CYS B 161 -7.79 -29.64 -5.65
CA CYS B 161 -6.73 -29.03 -6.46
C CYS B 161 -5.35 -29.24 -5.83
N ASP B 162 -4.33 -29.21 -6.68
CA ASP B 162 -2.93 -29.29 -6.23
C ASP B 162 -2.11 -28.32 -7.10
N VAL B 163 -1.73 -27.20 -6.51
CA VAL B 163 -1.04 -26.11 -7.23
C VAL B 163 0.32 -26.51 -7.77
N THR B 164 0.88 -27.59 -7.23
CA THR B 164 2.20 -28.06 -7.63
C THR B 164 2.14 -28.84 -8.95
N GLN B 165 0.93 -29.19 -9.38
CA GLN B 165 0.73 -30.02 -10.57
C GLN B 165 0.49 -29.20 -11.83
N SER B 166 1.02 -29.72 -12.95
CA SER B 166 0.82 -29.17 -14.28
C SER B 166 -0.65 -28.84 -14.58
N GLN B 167 -1.55 -29.74 -14.16
CA GLN B 167 -2.99 -29.52 -14.24
C GLN B 167 -3.52 -29.45 -12.82
N PRO B 168 -3.59 -28.25 -12.22
CA PRO B 168 -3.98 -28.15 -10.81
C PRO B 168 -5.32 -28.78 -10.46
N LEU B 169 -6.25 -28.81 -11.39
CA LEU B 169 -7.57 -29.40 -11.17
C LEU B 169 -7.68 -30.84 -11.70
N GLY B 170 -6.55 -31.40 -12.12
CA GLY B 170 -6.43 -32.81 -12.46
C GLY B 170 -7.24 -33.29 -13.65
N GLY B 171 -7.32 -32.47 -14.70
CA GLY B 171 -8.03 -32.86 -15.92
C GLY B 171 -9.54 -32.84 -15.83
N VAL B 172 -10.08 -32.06 -14.90
CA VAL B 172 -11.51 -31.74 -14.88
C VAL B 172 -11.80 -30.89 -16.12
N SER B 173 -12.92 -31.16 -16.79
CA SER B 173 -13.30 -30.43 -17.99
C SER B 173 -13.85 -29.04 -17.65
N LEU B 174 -13.03 -28.01 -17.85
CA LEU B 174 -13.43 -26.63 -17.57
C LEU B 174 -13.01 -25.67 -18.68
N PRO B 175 -13.84 -24.68 -18.98
CA PRO B 175 -13.46 -23.64 -19.93
C PRO B 175 -12.39 -22.73 -19.29
N PRO B 176 -11.57 -22.05 -20.12
CA PRO B 176 -10.57 -21.13 -19.56
C PRO B 176 -11.26 -20.06 -18.72
N ALA B 177 -10.69 -19.78 -17.54
CA ALA B 177 -11.30 -18.82 -16.61
C ALA B 177 -10.98 -17.37 -16.97
N ASP B 178 -11.83 -16.47 -16.50
CA ASP B 178 -11.63 -15.03 -16.66
C ASP B 178 -10.76 -14.47 -15.54
N CYS B 179 -10.76 -15.15 -14.39
CA CYS B 179 -9.98 -14.74 -13.23
C CYS B 179 -9.52 -15.96 -12.45
N LEU B 180 -8.28 -15.91 -11.98
CA LEU B 180 -7.81 -16.86 -10.97
C LEU B 180 -7.56 -16.11 -9.69
N LEU B 181 -8.11 -16.63 -8.60
CA LEU B 181 -7.93 -16.05 -7.27
C LEU B 181 -7.22 -17.04 -6.39
N SER B 182 -6.24 -16.57 -5.61
CA SER B 182 -5.61 -17.41 -4.61
C SER B 182 -5.18 -16.56 -3.42
N THR B 183 -5.72 -16.87 -2.25
CA THR B 183 -5.43 -16.09 -1.04
C THR B 183 -4.77 -16.96 0.00
N LEU B 184 -3.60 -16.53 0.48
CA LEU B 184 -2.88 -17.20 1.58
C LEU B 184 -2.58 -18.68 1.33
N CYS B 185 -2.39 -19.03 0.06
CA CYS B 185 -2.14 -20.41 -0.33
C CYS B 185 -0.71 -20.67 -0.83
N LEU B 186 -0.22 -19.87 -1.78
CA LEU B 186 1.04 -20.22 -2.46
C LEU B 186 2.25 -20.27 -1.52
N ASP B 187 2.37 -19.29 -0.62
CA ASP B 187 3.46 -19.30 0.37
C ASP B 187 3.45 -20.55 1.25
N ALA B 188 2.26 -21.07 1.55
CA ALA B 188 2.12 -22.28 2.35
C ALA B 188 2.39 -23.54 1.53
N ALA B 189 2.12 -23.49 0.23
CA ALA B 189 2.18 -24.68 -0.62
C ALA B 189 3.52 -24.88 -1.33
N CYS B 190 4.40 -23.88 -1.29
CA CYS B 190 5.63 -23.88 -2.07
C CYS B 190 6.87 -23.75 -1.17
N PRO B 191 7.77 -24.76 -1.21
CA PRO B 191 8.95 -24.78 -0.34
C PRO B 191 10.09 -23.83 -0.71
N ASP B 192 10.07 -23.27 -1.92
CA ASP B 192 11.12 -22.38 -2.38
C ASP B 192 10.64 -21.53 -3.56
N LEU B 193 11.46 -20.55 -3.95
CA LEU B 193 11.07 -19.63 -5.02
C LEU B 193 10.87 -20.31 -6.39
N PRO B 194 11.75 -21.25 -6.77
CA PRO B 194 11.47 -21.98 -8.02
C PRO B 194 10.12 -22.70 -8.01
N ALA B 195 9.75 -23.31 -6.87
CA ALA B 195 8.45 -23.97 -6.73
C ALA B 195 7.29 -22.96 -6.80
N TYR B 196 7.52 -21.78 -6.25
CA TYR B 196 6.55 -20.69 -6.27
C TYR B 196 6.31 -20.24 -7.73
N ARG B 197 7.40 -20.06 -8.47
CA ARG B 197 7.35 -19.69 -9.89
C ARG B 197 6.63 -20.76 -10.71
N THR B 198 6.88 -22.02 -10.37
CA THR B 198 6.25 -23.15 -11.04
C THR B 198 4.74 -23.13 -10.79
N ALA B 199 4.35 -22.91 -9.54
CA ALA B 199 2.93 -22.83 -9.16
C ALA B 199 2.21 -21.70 -9.91
N LEU B 200 2.89 -20.56 -10.08
CA LEU B 200 2.35 -19.45 -10.87
C LEU B 200 2.07 -19.83 -12.32
N ARG B 201 3.00 -20.60 -12.91
CA ARG B 201 2.84 -21.07 -14.28
C ARG B 201 1.70 -22.09 -14.36
N ASN B 202 1.62 -22.97 -13.37
CA ASN B 202 0.56 -23.97 -13.29
C ASN B 202 -0.83 -23.35 -13.24
N LEU B 203 -1.00 -22.32 -12.40
CA LEU B 203 -2.27 -21.61 -12.29
C LEU B 203 -2.63 -20.91 -13.60
N GLY B 204 -1.62 -20.34 -14.26
CA GLY B 204 -1.83 -19.68 -15.56
C GLY B 204 -2.47 -20.56 -16.62
N SER B 205 -2.23 -21.86 -16.53
CA SER B 205 -2.78 -22.85 -17.47
C SER B 205 -4.31 -22.87 -17.46
N LEU B 206 -4.90 -22.36 -16.39
CA LEU B 206 -6.34 -22.34 -16.19
C LEU B 206 -6.98 -21.02 -16.64
N LEU B 207 -6.13 -20.06 -17.01
CA LEU B 207 -6.56 -18.69 -17.23
C LEU B 207 -6.51 -18.33 -18.70
N LYS B 208 -7.59 -17.74 -19.21
CA LYS B 208 -7.61 -17.31 -20.61
C LYS B 208 -6.68 -16.12 -20.88
N PRO B 209 -6.13 -16.04 -22.10
CA PRO B 209 -5.39 -14.83 -22.47
C PRO B 209 -6.24 -13.58 -22.20
N GLY B 210 -5.64 -12.58 -21.57
CA GLY B 210 -6.35 -11.36 -21.18
C GLY B 210 -7.05 -11.47 -19.84
N GLY B 211 -6.95 -12.63 -19.20
CA GLY B 211 -7.58 -12.87 -17.89
C GLY B 211 -6.80 -12.28 -16.73
N PHE B 212 -7.42 -12.27 -15.55
CA PHE B 212 -6.81 -11.67 -14.36
C PHE B 212 -6.31 -12.70 -13.35
N LEU B 213 -5.17 -12.38 -12.72
CA LEU B 213 -4.70 -13.11 -11.57
C LEU B 213 -4.87 -12.20 -10.36
N VAL B 214 -5.57 -12.67 -9.34
CA VAL B 214 -5.70 -11.94 -8.08
C VAL B 214 -5.08 -12.79 -6.96
N MET B 215 -4.11 -12.22 -6.26
CA MET B 215 -3.38 -12.93 -5.21
CA MET B 215 -3.39 -12.94 -5.21
C MET B 215 -3.24 -12.11 -3.94
N VAL B 216 -3.35 -12.80 -2.82
CA VAL B 216 -3.11 -12.24 -1.49
C VAL B 216 -2.24 -13.27 -0.79
N ASP B 217 -1.26 -12.79 -0.01
CA ASP B 217 -0.48 -13.70 0.83
C ASP B 217 0.31 -12.92 1.88
N ALA B 218 0.80 -13.65 2.89
CA ALA B 218 1.62 -13.07 3.94
C ALA B 218 2.99 -12.69 3.38
N LEU B 219 3.60 -11.68 3.97
CA LEU B 219 4.95 -11.28 3.59
C LEU B 219 5.95 -11.69 4.67
N LYS B 220 7.10 -12.21 4.22
CA LYS B 220 8.22 -12.55 5.10
C LYS B 220 7.84 -13.51 6.23
N SER B 221 6.82 -14.33 5.99
CA SER B 221 6.36 -15.31 6.95
C SER B 221 7.04 -16.64 6.70
N SER B 222 7.58 -17.26 7.75
CA SER B 222 8.17 -18.60 7.64
C SER B 222 7.32 -19.68 8.32
N TYR B 223 6.28 -19.25 9.03
CA TYR B 223 5.34 -20.18 9.66
C TYR B 223 4.02 -19.49 10.02
N TYR B 224 2.98 -20.31 10.22
CA TYR B 224 1.74 -19.86 10.82
C TYR B 224 1.14 -20.97 11.68
N MET B 225 0.43 -20.57 12.73
CA MET B 225 -0.12 -21.52 13.69
C MET B 225 -1.62 -21.73 13.55
N ILE B 226 -2.04 -22.96 13.78
CA ILE B 226 -3.44 -23.28 14.00
C ILE B 226 -3.48 -24.10 15.29
N GLY B 227 -3.82 -23.43 16.39
CA GLY B 227 -3.66 -24.00 17.73
C GLY B 227 -2.20 -24.34 17.97
N GLU B 228 -1.95 -25.60 18.35
CA GLU B 228 -0.60 -26.07 18.63
C GLU B 228 0.10 -26.61 17.39
N GLN B 229 -0.58 -26.57 16.25
CA GLN B 229 -0.05 -27.11 15.00
C GLN B 229 0.66 -26.01 14.18
N LYS B 230 1.91 -26.28 13.84
CA LYS B 230 2.74 -25.35 13.07
C LYS B 230 2.78 -25.75 11.61
N PHE B 231 2.50 -24.78 10.74
CA PHE B 231 2.62 -24.99 9.30
C PHE B 231 3.66 -24.01 8.78
N SER B 232 4.47 -24.48 7.83
CA SER B 232 5.52 -23.65 7.27
CA SER B 232 5.52 -23.68 7.22
C SER B 232 4.97 -22.64 6.25
N SER B 233 5.77 -21.63 5.96
CA SER B 233 5.45 -20.63 4.95
C SER B 233 6.75 -20.25 4.26
N LEU B 234 6.64 -19.92 2.97
CA LEU B 234 7.77 -19.39 2.21
C LEU B 234 7.86 -17.89 2.46
N PRO B 235 8.95 -17.44 3.11
CA PRO B 235 9.07 -16.01 3.39
C PRO B 235 9.60 -15.26 2.17
N LEU B 236 8.68 -14.61 1.47
CA LEU B 236 9.03 -13.76 0.34
C LEU B 236 8.69 -12.33 0.70
N GLY B 237 9.56 -11.40 0.27
CA GLY B 237 9.28 -9.98 0.43
C GLY B 237 8.46 -9.48 -0.75
N TRP B 238 7.89 -8.28 -0.61
CA TRP B 238 7.00 -7.74 -1.64
C TRP B 238 7.64 -7.54 -3.02
N GLU B 239 8.90 -7.10 -3.04
CA GLU B 239 9.61 -6.92 -4.32
C GLU B 239 9.73 -8.24 -5.06
N THR B 240 10.01 -9.30 -4.32
CA THR B 240 10.18 -10.65 -4.87
C THR B 240 8.88 -11.14 -5.48
N VAL B 241 7.76 -10.85 -4.81
CA VAL B 241 6.44 -11.23 -5.30
C VAL B 241 6.06 -10.45 -6.57
N ARG B 242 6.21 -9.12 -6.52
CA ARG B 242 5.94 -8.27 -7.68
C ARG B 242 6.74 -8.78 -8.88
N ASP B 243 8.03 -9.02 -8.65
CA ASP B 243 8.94 -9.45 -9.71
C ASP B 243 8.60 -10.82 -10.27
N ALA B 244 8.32 -11.79 -9.39
CA ALA B 244 7.97 -13.15 -9.78
C ALA B 244 6.74 -13.17 -10.69
N VAL B 245 5.74 -12.36 -10.36
CA VAL B 245 4.50 -12.29 -11.13
C VAL B 245 4.72 -11.64 -12.50
N GLU B 246 5.43 -10.51 -12.54
CA GLU B 246 5.84 -9.88 -13.79
C GLU B 246 6.64 -10.84 -14.67
N GLU B 247 7.56 -11.58 -14.04
CA GLU B 247 8.44 -12.52 -14.75
C GLU B 247 7.68 -13.76 -15.26
N ALA B 248 6.51 -14.02 -14.70
CA ALA B 248 5.64 -15.09 -15.18
C ALA B 248 4.77 -14.63 -16.35
N GLY B 249 4.99 -13.39 -16.80
CA GLY B 249 4.30 -12.85 -17.99
C GLY B 249 3.17 -11.87 -17.71
N TYR B 250 2.76 -11.76 -16.45
CA TYR B 250 1.65 -10.88 -16.08
C TYR B 250 2.06 -9.41 -16.05
N THR B 251 1.14 -8.55 -16.50
CA THR B 251 1.28 -7.12 -16.28
C THR B 251 0.62 -6.82 -14.93
N ILE B 252 1.40 -6.26 -13.99
CA ILE B 252 0.86 -5.85 -12.71
C ILE B 252 -0.03 -4.64 -12.91
N GLU B 253 -1.30 -4.77 -12.55
CA GLU B 253 -2.27 -3.67 -12.67
C GLU B 253 -2.45 -2.97 -11.32
N GLN B 254 -2.36 -3.75 -10.25
CA GLN B 254 -2.48 -3.24 -8.88
C GLN B 254 -1.56 -4.05 -7.98
N PHE B 255 -0.97 -3.38 -6.99
CA PHE B 255 -0.15 -4.02 -5.98
C PHE B 255 -0.20 -3.15 -4.75
N GLU B 256 -0.51 -3.76 -3.61
CA GLU B 256 -0.57 -3.04 -2.34
C GLU B 256 0.03 -3.89 -1.22
N VAL B 257 0.62 -3.21 -0.23
CA VAL B 257 1.11 -3.87 0.98
C VAL B 257 0.14 -3.57 2.12
N ILE B 258 -0.22 -4.62 2.87
CA ILE B 258 -1.01 -4.51 4.08
C ILE B 258 -0.03 -4.51 5.25
N SER B 259 0.08 -3.37 5.91
CA SER B 259 1.12 -3.08 6.89
CA SER B 259 1.15 -3.13 6.88
C SER B 259 0.86 -3.68 8.27
N GLN B 260 -0.01 -4.69 8.34
CA GLN B 260 -0.42 -5.28 9.61
C GLN B 260 0.21 -6.65 9.83
N ASN B 261 0.58 -6.94 11.08
CA ASN B 261 1.11 -8.24 11.46
C ASN B 261 0.06 -9.07 12.21
N TYR B 262 0.12 -10.39 12.05
CA TYR B 262 -0.66 -11.32 12.87
C TYR B 262 -0.15 -11.28 14.31
N SER B 263 -0.95 -11.79 15.25
CA SER B 263 -0.58 -11.87 16.68
C SER B 263 0.82 -12.47 16.86
N SER B 264 1.50 -12.07 17.93
CA SER B 264 2.91 -12.47 18.15
C SER B 264 3.14 -13.98 18.14
N THR B 265 2.17 -14.73 18.67
CA THR B 265 2.30 -16.18 18.77
C THR B 265 1.96 -16.88 17.46
N THR B 266 1.28 -16.16 16.58
CA THR B 266 0.56 -16.73 15.44
C THR B 266 1.40 -16.97 14.18
N SER B 267 2.27 -15.99 13.88
CA SER B 267 3.09 -16.01 12.66
C SER B 267 4.18 -14.96 12.85
N ASN B 268 5.26 -15.08 12.08
CA ASN B 268 6.31 -14.06 12.10
C ASN B 268 6.27 -13.15 10.85
N ASN B 269 5.09 -13.07 10.21
CA ASN B 269 4.90 -12.23 9.02
C ASN B 269 5.23 -10.76 9.28
N GLU B 270 5.67 -10.08 8.23
CA GLU B 270 5.77 -8.63 8.24
C GLU B 270 4.83 -8.12 7.16
N GLY B 271 3.57 -7.92 7.55
CA GLY B 271 2.53 -7.50 6.61
C GLY B 271 2.07 -8.59 5.66
N LEU B 272 1.23 -8.18 4.71
CA LEU B 272 0.72 -9.02 3.63
C LEU B 272 0.70 -8.20 2.35
N PHE B 273 0.46 -8.85 1.21
CA PHE B 273 0.24 -8.12 -0.04
C PHE B 273 -1.09 -8.53 -0.69
N SER B 274 -1.56 -7.68 -1.59
CA SER B 274 -2.59 -8.05 -2.54
C SER B 274 -2.15 -7.51 -3.90
N LEU B 275 -2.47 -8.24 -4.97
CA LEU B 275 -2.10 -7.78 -6.30
C LEU B 275 -3.09 -8.20 -7.36
N VAL B 276 -3.08 -7.48 -8.48
CA VAL B 276 -3.85 -7.85 -9.66
C VAL B 276 -2.89 -7.90 -10.83
N GLY B 277 -2.81 -9.06 -11.47
CA GLY B 277 -1.99 -9.25 -12.67
C GLY B 277 -2.88 -9.56 -13.85
N ARG B 278 -2.44 -9.21 -15.05
CA ARG B 278 -3.22 -9.47 -16.26
C ARG B 278 -2.39 -10.29 -17.24
N LYS B 279 -2.94 -11.42 -17.66
CA LYS B 279 -2.30 -12.30 -18.63
C LYS B 279 -2.35 -11.63 -20.02
N PRO B 280 -1.25 -11.70 -20.79
CA PRO B 280 -1.23 -11.13 -22.14
C PRO B 280 -2.33 -11.72 -23.03
N GLY B 281 -2.82 -10.92 -23.96
CA GLY B 281 -3.77 -11.39 -24.98
C GLY B 281 -3.04 -11.94 -26.18
#